data_3F4Y
#
_entry.id   3F4Y
#
_cell.length_a   37.611
_cell.length_b   179.038
_cell.length_c   33.075
_cell.angle_alpha   90.000
_cell.angle_beta   90.000
_cell.angle_gamma   90.000
#
_symmetry.space_group_name_H-M   'P 21 21 2'
#
loop_
_entity.id
_entity.type
_entity.pdbx_description
1 polymer 'Envelope glycoprotein gp160'
2 polymer 'Mutant peptide derived from HIV gp41 CHR domain'
3 water water
#
loop_
_entity_poly.entity_id
_entity_poly.type
_entity_poly.pdbx_seq_one_letter_code
_entity_poly.pdbx_strand_id
1 'polypeptide(L)' (ACE)SGIVQQQNNLLRAIEAQQHLLQLTVWGIKQLQARIL(NH2) A,B,C
2 'polypeptide(L)' (ACE)TTWEAWDRAIAEYAARIEALIRAAQEQQEKNEAALREL(NH2) D,E,F
#
loop_
_chem_comp.id
_chem_comp.type
_chem_comp.name
_chem_comp.formula
ACE non-polymer 'ACETYL GROUP' 'C2 H4 O'
NH2 non-polymer 'AMINO GROUP' 'H2 N'
#
# COMPACT_ATOMS: atom_id res chain seq x y z
C ACE A 1 -6.12 -18.82 -12.69
O ACE A 1 -6.07 -17.87 -11.91
CH3 ACE A 1 -7.20 -18.90 -13.74
H1 ACE A 1 -8.09 -19.26 -13.25
H2 ACE A 1 -6.91 -19.45 -14.57
H3 ACE A 1 -7.43 -17.83 -14.08
N SER A 2 -5.14 -19.72 -12.82
CA SER A 2 -4.00 -19.88 -11.92
C SER A 2 -3.06 -18.66 -11.90
N GLY A 3 -2.91 -17.99 -13.05
CA GLY A 3 -2.04 -16.84 -13.17
C GLY A 3 -2.61 -15.63 -12.48
N ILE A 4 -3.94 -15.62 -12.35
CA ILE A 4 -4.65 -14.54 -11.68
C ILE A 4 -4.56 -14.75 -10.18
N VAL A 5 -4.83 -15.97 -9.75
CA VAL A 5 -4.71 -16.37 -8.34
C VAL A 5 -3.28 -16.20 -7.87
N GLN A 6 -2.31 -16.63 -8.68
CA GLN A 6 -0.90 -16.45 -8.34
C GLN A 6 -0.52 -14.97 -8.20
N GLN A 7 -1.02 -14.14 -9.10
CA GLN A 7 -0.73 -12.71 -9.06
C GLN A 7 -1.41 -12.05 -7.86
N GLN A 8 -2.66 -12.43 -7.57
CA GLN A 8 -3.32 -11.90 -6.37
C GLN A 8 -2.50 -12.20 -5.13
N ASN A 9 -1.81 -13.34 -5.11
CA ASN A 9 -0.91 -13.63 -4.02
C ASN A 9 0.24 -12.64 -3.96
N ASN A 10 0.76 -12.26 -5.12
CA ASN A 10 1.83 -11.30 -5.16
C ASN A 10 1.38 -9.92 -4.67
N LEU A 11 0.17 -9.53 -5.10
CA LEU A 11 -0.41 -8.24 -4.69
C LEU A 11 -0.63 -8.23 -3.17
N LEU A 12 -1.08 -9.37 -2.64
CA LEU A 12 -1.27 -9.54 -1.19
C LEU A 12 0.06 -9.46 -0.45
N ARG A 13 1.06 -10.19 -0.93
CA ARG A 13 2.40 -10.17 -0.30
C ARG A 13 3.06 -8.79 -0.42
N ALA A 14 2.71 -8.02 -1.44
CA ALA A 14 3.20 -6.63 -1.55
C ALA A 14 2.55 -5.75 -0.47
N ILE A 15 1.24 -5.94 -0.28
CA ILE A 15 0.49 -5.20 0.71
C ILE A 15 1.04 -5.53 2.11
N GLU A 16 1.27 -6.82 2.38
CA GLU A 16 1.85 -7.23 3.67
C GLU A 16 3.18 -6.53 3.92
N ALA A 17 4.08 -6.54 2.92
CA ALA A 17 5.39 -5.89 3.07
C ALA A 17 5.29 -4.34 3.25
N GLN A 18 4.31 -3.77 2.57
CA GLN A 18 4.10 -2.32 2.61
C GLN A 18 3.59 -1.88 3.96
N GLN A 19 2.84 -2.74 4.63
CA GLN A 19 2.41 -2.47 5.99
C GLN A 19 3.61 -2.41 6.95
N HIS A 20 4.59 -3.30 6.79
CA HIS A 20 5.81 -3.19 7.58
C HIS A 20 6.54 -1.88 7.34
N LEU A 21 6.60 -1.42 6.08
CA LEU A 21 7.23 -0.14 5.78
C LEU A 21 6.48 0.99 6.45
N LEU A 22 5.15 0.95 6.36
CA LEU A 22 4.30 1.92 7.09
C LEU A 22 4.56 1.93 8.58
N GLN A 23 4.60 0.75 9.21
CA GLN A 23 4.96 0.60 10.65
C GLN A 23 6.32 1.25 10.91
N LEU A 24 7.31 0.96 10.05
CA LEU A 24 8.63 1.54 10.23
C LEU A 24 8.63 3.08 10.14
N THR A 25 7.91 3.65 9.18
CA THR A 25 7.83 5.10 9.07
C THR A 25 7.20 5.69 10.34
N VAL A 26 6.21 5.02 10.91
CA VAL A 26 5.58 5.49 12.16
C VAL A 26 6.61 5.58 13.30
N TRP A 27 7.46 4.57 13.41
CA TRP A 27 8.57 4.56 14.38
C TRP A 27 9.53 5.74 14.19
N GLY A 28 9.86 6.03 12.93
CA GLY A 28 10.77 7.13 12.61
C GLY A 28 10.20 8.48 13.01
N ILE A 29 8.93 8.69 12.71
CA ILE A 29 8.22 9.92 13.12
C ILE A 29 8.23 10.08 14.64
N LYS A 30 7.82 9.05 15.37
CA LYS A 30 7.88 9.05 16.84
C LYS A 30 9.28 9.26 17.37
N GLN A 31 10.30 8.68 16.73
CA GLN A 31 11.69 8.86 17.18
C GLN A 31 12.19 10.30 17.09
N LEU A 32 11.84 10.97 15.99
CA LEU A 32 12.21 12.35 15.71
C LEU A 32 11.49 13.31 16.66
N GLN A 33 10.23 13.03 16.87
CA GLN A 33 9.48 13.63 17.96
C GLN A 33 10.27 13.54 19.27
N ALA A 34 10.74 12.35 19.60
CA ALA A 34 11.53 12.17 20.83
C ALA A 34 12.82 12.97 20.86
N ARG A 35 13.54 13.03 19.75
CA ARG A 35 14.73 13.89 19.62
C ARG A 35 14.44 15.36 19.88
N ILE A 36 13.40 15.86 19.26
CA ILE A 36 12.93 17.22 19.48
C ILE A 36 12.74 17.49 20.98
N LEU A 37 12.14 16.55 21.69
CA LEU A 37 11.99 16.63 23.15
C LEU A 37 13.34 16.69 23.89
N NH2 A 38 14.41 16.12 23.32
HN1 NH2 A 38 15.31 16.13 23.80
HN2 NH2 A 38 14.33 15.65 22.44
C ACE B 1 -15.19 -15.47 -9.34
O ACE B 1 -14.67 -14.36 -9.31
CH3 ACE B 1 -15.05 -16.33 -10.57
H1 ACE B 1 -15.59 -17.28 -10.43
H2 ACE B 1 -13.89 -16.72 -10.45
H3 ACE B 1 -15.11 -15.89 -11.44
N SER B 2 -16.07 -15.90 -8.42
CA SER B 2 -16.57 -15.07 -7.32
C SER B 2 -15.54 -14.86 -6.19
N GLY B 3 -14.85 -15.94 -5.79
CA GLY B 3 -13.77 -15.84 -4.82
C GLY B 3 -12.63 -14.94 -5.30
N ILE B 4 -12.43 -14.90 -6.61
CA ILE B 4 -11.43 -14.03 -7.24
C ILE B 4 -11.87 -12.55 -7.18
N VAL B 5 -13.16 -12.31 -7.40
CA VAL B 5 -13.75 -10.97 -7.32
C VAL B 5 -13.86 -10.53 -5.87
N GLN B 6 -14.12 -11.48 -4.98
CA GLN B 6 -14.06 -11.18 -3.56
C GLN B 6 -12.68 -10.67 -3.20
N GLN B 7 -11.66 -11.39 -3.67
CA GLN B 7 -10.28 -11.09 -3.32
C GLN B 7 -9.85 -9.73 -3.85
N GLN B 8 -10.30 -9.35 -5.04
CA GLN B 8 -10.04 -8.01 -5.54
C GLN B 8 -10.61 -6.97 -4.56
N ASN B 9 -11.81 -7.22 -4.01
CA ASN B 9 -12.40 -6.34 -2.99
C ASN B 9 -11.57 -6.29 -1.69
N ASN B 10 -11.12 -7.45 -1.23
CA ASN B 10 -10.27 -7.54 -0.06
C ASN B 10 -8.98 -6.71 -0.22
N LEU B 11 -8.36 -6.84 -1.38
CA LEU B 11 -7.13 -6.11 -1.69
C LEU B 11 -7.38 -4.61 -1.80
N LEU B 12 -8.42 -4.22 -2.54
CA LEU B 12 -8.81 -2.82 -2.62
C LEU B 12 -9.00 -2.21 -1.23
N ARG B 13 -9.77 -2.91 -0.39
CA ARG B 13 -10.06 -2.43 0.97
C ARG B 13 -8.78 -2.21 1.77
N ALA B 14 -7.81 -3.11 1.63
CA ALA B 14 -6.56 -3.03 2.35
C ALA B 14 -5.70 -1.87 1.88
N ILE B 15 -5.68 -1.66 0.56
CA ILE B 15 -5.06 -0.52 -0.10
C ILE B 15 -5.68 0.79 0.36
N GLU B 16 -7.01 0.84 0.43
CA GLU B 16 -7.72 2.01 0.94
C GLU B 16 -7.26 2.40 2.36
N ALA B 17 -7.22 1.40 3.23
CA ALA B 17 -6.85 1.56 4.62
C ALA B 17 -5.38 1.99 4.76
N GLN B 18 -4.49 1.36 3.98
CA GLN B 18 -3.08 1.76 3.93
C GLN B 18 -2.88 3.24 3.52
N GLN B 19 -3.69 3.70 2.56
CA GLN B 19 -3.65 5.09 2.10
C GLN B 19 -4.05 6.07 3.19
N HIS B 20 -5.09 5.74 3.93
CA HIS B 20 -5.48 6.52 5.10
CA HIS B 20 -5.45 6.56 5.08
C HIS B 20 -4.30 6.58 6.09
N LEU B 21 -3.62 5.44 6.26
CA LEU B 21 -2.45 5.38 7.15
CA LEU B 21 -2.46 5.39 7.16
C LEU B 21 -1.33 6.25 6.64
N LEU B 22 -1.06 6.14 5.34
CA LEU B 22 -0.07 6.97 4.65
C LEU B 22 -0.32 8.43 4.84
N GLN B 23 -1.58 8.82 4.80
CA GLN B 23 -1.93 10.23 4.94
C GLN B 23 -1.74 10.73 6.38
N LEU B 24 -1.95 9.83 7.34
CA LEU B 24 -1.56 10.07 8.74
C LEU B 24 -0.04 10.26 8.92
N THR B 25 0.78 9.45 8.25
CA THR B 25 2.21 9.64 8.37
C THR B 25 2.65 10.96 7.69
N VAL B 26 2.05 11.30 6.56
CA VAL B 26 2.30 12.63 5.93
C VAL B 26 1.96 13.78 6.91
N TRP B 27 0.83 13.68 7.60
CA TRP B 27 0.47 14.70 8.60
C TRP B 27 1.55 14.85 9.66
N GLY B 28 2.06 13.72 10.13
CA GLY B 28 3.07 13.71 11.21
C GLY B 28 4.37 14.36 10.78
N ILE B 29 4.84 13.99 9.58
CA ILE B 29 6.04 14.59 9.03
C ILE B 29 5.86 16.12 8.90
N LYS B 30 4.69 16.56 8.41
CA LYS B 30 4.43 18.00 8.24
C LYS B 30 4.45 18.79 9.58
N GLN B 31 3.96 18.19 10.65
CA GLN B 31 4.00 18.78 12.00
C GLN B 31 5.44 19.01 12.43
N LEU B 32 6.30 18.03 12.17
CA LEU B 32 7.72 18.12 12.53
C LEU B 32 8.49 19.09 11.65
N GLN B 33 8.12 19.14 10.36
CA GLN B 33 8.78 19.99 9.39
C GLN B 33 8.61 21.46 9.78
N ALA B 34 7.36 21.83 10.05
CA ALA B 34 7.02 23.15 10.51
C ALA B 34 7.88 23.56 11.70
N ARG B 35 8.17 22.60 12.60
CA ARG B 35 8.96 22.89 13.77
C ARG B 35 10.43 23.17 13.43
N ILE B 36 11.03 22.30 12.60
CA ILE B 36 12.46 22.47 12.35
C ILE B 36 12.69 23.81 11.64
N LEU B 37 11.79 24.18 10.74
CA LEU B 37 11.90 25.44 10.02
C LEU B 37 11.70 26.69 10.94
N NH2 B 38 10.87 26.56 11.97
HN1 NH2 B 38 10.38 25.69 12.11
HN2 NH2 B 38 10.70 27.34 12.58
C ACE C 1 -11.00 -10.13 -18.56
O ACE C 1 -10.54 -9.90 -17.44
CH3 ACE C 1 -11.61 -11.47 -18.90
H1 ACE C 1 -11.93 -11.97 -17.75
H2 ACE C 1 -10.99 -12.08 -19.27
H3 ACE C 1 -12.64 -11.39 -19.29
N SER C 2 -11.45 -9.14 -19.35
CA SER C 2 -10.89 -7.79 -19.35
C SER C 2 -11.22 -7.01 -18.06
N GLY C 3 -12.42 -7.22 -17.52
CA GLY C 3 -12.89 -6.50 -16.34
C GLY C 3 -12.11 -6.84 -15.07
N ILE C 4 -11.85 -8.13 -14.84
CA ILE C 4 -11.12 -8.52 -13.66
C ILE C 4 -9.62 -8.28 -13.87
N VAL C 5 -9.17 -8.45 -15.12
CA VAL C 5 -7.75 -8.28 -15.45
C VAL C 5 -7.40 -6.79 -15.54
N GLN C 6 -8.37 -5.95 -15.90
CA GLN C 6 -8.22 -4.50 -15.68
C GLN C 6 -8.08 -4.20 -14.17
N GLN C 7 -8.85 -4.90 -13.35
CA GLN C 7 -8.89 -4.67 -11.90
C GLN C 7 -7.60 -5.16 -11.23
N GLN C 8 -7.07 -6.30 -11.68
CA GLN C 8 -5.74 -6.69 -11.31
C GLN C 8 -4.75 -5.56 -11.59
N ASN C 9 -4.90 -4.95 -12.75
CA ASN C 9 -4.06 -3.83 -13.15
C ASN C 9 -4.30 -2.55 -12.34
N ASN C 10 -5.56 -2.19 -12.11
CA ASN C 10 -5.89 -1.11 -11.19
C ASN C 10 -5.23 -1.30 -9.82
N LEU C 11 -5.28 -2.53 -9.30
CA LEU C 11 -4.75 -2.83 -7.97
C LEU C 11 -3.21 -2.77 -7.89
N LEU C 12 -2.55 -3.36 -8.89
CA LEU C 12 -1.10 -3.34 -9.02
C LEU C 12 -0.58 -1.91 -9.16
N ARG C 13 -1.28 -1.11 -9.96
CA ARG C 13 -0.93 0.28 -10.15
C ARG C 13 -1.09 1.10 -8.88
N ALA C 14 -2.15 0.81 -8.13
CA ALA C 14 -2.39 1.50 -6.87
C ALA C 14 -1.26 1.17 -5.87
N ILE C 15 -0.85 -0.10 -5.85
CA ILE C 15 0.24 -0.58 -5.00
C ILE C 15 1.58 0.08 -5.37
N GLU C 16 1.82 0.19 -6.68
CA GLU C 16 2.98 0.93 -7.21
C GLU C 16 2.96 2.41 -6.82
N ALA C 17 1.77 3.02 -6.85
CA ALA C 17 1.67 4.43 -6.49
C ALA C 17 1.91 4.59 -4.97
N GLN C 18 1.39 3.62 -4.24
CA GLN C 18 1.56 3.56 -2.77
CA GLN C 18 1.56 3.55 -2.79
C GLN C 18 3.03 3.37 -2.39
N GLN C 19 3.75 2.57 -3.17
CA GLN C 19 5.18 2.40 -2.97
C GLN C 19 5.94 3.69 -3.19
N HIS C 20 5.59 4.44 -4.23
CA HIS C 20 6.22 5.74 -4.46
C HIS C 20 5.91 6.71 -3.35
N LEU C 21 4.67 6.74 -2.89
CA LEU C 21 4.33 7.53 -1.69
C LEU C 21 5.15 7.14 -0.47
N LEU C 22 5.36 5.85 -0.24
CA LEU C 22 6.20 5.35 0.88
C LEU C 22 7.64 5.84 0.79
N GLN C 23 8.25 5.72 -0.40
CA GLN C 23 9.60 6.22 -0.66
CA GLN C 23 9.61 6.21 -0.64
C GLN C 23 9.69 7.71 -0.29
N LEU C 24 8.69 8.47 -0.71
CA LEU C 24 8.66 9.89 -0.38
C LEU C 24 8.55 10.14 1.10
N THR C 25 7.75 9.35 1.82
CA THR C 25 7.67 9.56 3.24
C THR C 25 8.98 9.26 3.91
N VAL C 26 9.66 8.18 3.49
CA VAL C 26 10.97 7.86 4.00
C VAL C 26 11.92 9.02 3.78
N TRP C 27 11.84 9.64 2.60
CA TRP C 27 12.64 10.81 2.24
C TRP C 27 12.41 11.96 3.21
N GLY C 28 11.15 12.33 3.44
CA GLY C 28 10.80 13.32 4.45
C GLY C 28 11.45 13.04 5.81
N ILE C 29 11.29 11.82 6.31
CA ILE C 29 11.88 11.42 7.60
C ILE C 29 13.40 11.63 7.60
N LYS C 30 14.04 11.21 6.52
CA LYS C 30 15.49 11.33 6.37
C LYS C 30 15.92 12.79 6.38
N GLN C 31 15.13 13.65 5.72
CA GLN C 31 15.41 15.09 5.70
C GLN C 31 15.34 15.69 7.10
N LEU C 32 14.31 15.30 7.85
CA LEU C 32 14.14 15.74 9.21
C LEU C 32 15.27 15.24 10.07
N GLN C 33 15.62 13.97 9.90
CA GLN C 33 16.65 13.31 10.69
C GLN C 33 17.96 14.03 10.58
N ALA C 34 18.32 14.38 9.34
CA ALA C 34 19.56 15.11 9.07
C ALA C 34 19.61 16.48 9.72
N ARG C 35 18.46 17.16 9.78
CA ARG C 35 18.36 18.49 10.35
C ARG C 35 18.26 18.40 11.88
N ILE C 36 17.54 17.40 12.38
CA ILE C 36 17.39 17.22 13.83
C ILE C 36 18.61 16.50 14.40
N LEU C 37 18.98 15.36 13.79
CA LEU C 37 20.25 14.66 14.10
C LEU C 37 21.42 15.28 13.29
N NH2 C 38 21.71 16.56 13.54
HN1 NH2 C 38 21.19 17.09 14.22
HN2 NH2 C 38 22.46 17.01 13.03
C ACE D 1 15.01 -0.63 18.59
O ACE D 1 15.57 -1.60 19.09
CH3 ACE D 1 13.60 -0.25 18.93
H1 ACE D 1 13.47 -0.33 20.06
H2 ACE D 1 12.89 -0.92 18.49
H3 ACE D 1 13.38 0.78 18.67
N THR D 2 15.60 0.20 17.71
CA THR D 2 16.89 -0.11 17.14
C THR D 2 17.69 1.14 16.92
N THR D 3 18.81 0.99 16.22
CA THR D 3 19.55 2.13 15.74
C THR D 3 18.86 2.67 14.49
N TRP D 4 19.10 3.94 14.19
CA TRP D 4 18.67 4.46 12.93
C TRP D 4 19.29 3.71 11.76
N GLU D 5 20.47 3.10 11.92
CA GLU D 5 21.08 2.35 10.82
C GLU D 5 20.36 1.06 10.55
N ALA D 6 19.96 0.37 11.62
CA ALA D 6 19.13 -0.83 11.52
C ALA D 6 17.80 -0.51 10.88
N TRP D 7 17.28 0.66 11.18
CA TRP D 7 16.05 1.15 10.56
C TRP D 7 16.23 1.35 9.05
N ASP D 8 17.34 1.97 8.66
CA ASP D 8 17.62 2.19 7.23
C ASP D 8 17.66 0.87 6.50
N ARG D 9 18.42 -0.07 7.06
CA ARG D 9 18.59 -1.42 6.50
C ARG D 9 17.25 -2.13 6.37
N ALA D 10 16.40 -2.03 7.40
CA ALA D 10 15.10 -2.72 7.36
C ALA D 10 14.21 -2.18 6.24
N ILE D 11 14.20 -0.87 6.12
CA ILE D 11 13.44 -0.16 5.11
C ILE D 11 13.89 -0.58 3.73
N ALA D 12 15.21 -0.58 3.54
CA ALA D 12 15.82 -1.04 2.28
C ALA D 12 15.37 -2.47 1.92
N GLU D 13 15.39 -3.35 2.92
CA GLU D 13 15.05 -4.77 2.76
CA GLU D 13 15.04 -4.77 2.73
C GLU D 13 13.57 -4.92 2.36
N TYR D 14 12.69 -4.31 3.15
CA TYR D 14 11.26 -4.35 2.83
C TYR D 14 11.01 -3.73 1.47
N ALA D 15 11.63 -2.60 1.19
CA ALA D 15 11.56 -1.97 -0.14
C ALA D 15 12.00 -2.90 -1.28
N ALA D 16 13.08 -3.63 -1.08
CA ALA D 16 13.57 -4.60 -2.07
C ALA D 16 12.57 -5.75 -2.27
N ARG D 17 11.99 -6.24 -1.17
CA ARG D 17 10.97 -7.28 -1.25
C ARG D 17 9.78 -6.83 -2.06
N ILE D 18 9.33 -5.60 -1.81
CA ILE D 18 8.15 -5.07 -2.48
C ILE D 18 8.41 -4.88 -3.97
N GLU D 19 9.51 -4.25 -4.36
CA GLU D 19 9.75 -4.00 -5.79
C GLU D 19 9.83 -5.30 -6.61
N ALA D 20 10.44 -6.34 -6.06
CA ALA D 20 10.46 -7.66 -6.70
C ALA D 20 9.06 -8.26 -6.86
N LEU D 21 8.24 -8.20 -5.80
CA LEU D 21 6.82 -8.53 -5.90
C LEU D 21 6.08 -7.71 -6.98
N ILE D 22 6.43 -6.43 -7.15
CA ILE D 22 5.84 -5.61 -8.20
C ILE D 22 6.30 -6.05 -9.58
N ARG D 23 7.61 -6.28 -9.75
CA ARG D 23 8.14 -6.87 -11.00
C ARG D 23 7.52 -8.23 -11.30
N ALA D 24 7.35 -9.06 -10.29
CA ALA D 24 6.71 -10.36 -10.51
C ALA D 24 5.27 -10.17 -10.97
N ALA D 25 4.51 -9.35 -10.25
CA ALA D 25 3.13 -9.07 -10.58
C ALA D 25 2.99 -8.42 -11.95
N GLN D 26 4.00 -7.65 -12.37
CA GLN D 26 4.02 -6.99 -13.68
C GLN D 26 4.18 -7.98 -14.83
N GLU D 27 5.00 -8.99 -14.61
CA GLU D 27 5.26 -10.03 -15.58
C GLU D 27 4.04 -10.92 -15.69
N GLN D 28 3.48 -11.29 -14.54
CA GLN D 28 2.19 -11.94 -14.48
C GLN D 28 1.09 -11.18 -15.19
N GLN D 29 1.05 -9.87 -15.02
CA GLN D 29 0.03 -9.06 -15.65
C GLN D 29 0.06 -9.21 -17.15
N GLU D 30 1.25 -9.11 -17.74
CA GLU D 30 1.45 -9.21 -19.19
C GLU D 30 0.93 -10.57 -19.72
N LYS D 31 1.39 -11.65 -19.11
CA LYS D 31 0.97 -13.01 -19.46
C LYS D 31 -0.56 -13.18 -19.38
N ASN D 32 -1.12 -12.78 -18.24
CA ASN D 32 -2.56 -12.84 -18.01
C ASN D 32 -3.35 -12.12 -19.10
N GLU D 33 -2.91 -10.90 -19.43
CA GLU D 33 -3.56 -10.09 -20.46
C GLU D 33 -3.47 -10.71 -21.86
N ALA D 34 -2.39 -11.46 -22.12
CA ALA D 34 -2.27 -12.20 -23.36
C ALA D 34 -3.31 -13.33 -23.40
N ALA D 35 -3.25 -14.18 -22.37
CA ALA D 35 -4.16 -15.31 -22.22
C ALA D 35 -5.62 -14.90 -22.41
N LEU D 36 -6.03 -13.80 -21.77
CA LEU D 36 -7.45 -13.42 -21.75
C LEU D 36 -7.97 -12.80 -23.05
N ARG D 37 -7.15 -12.83 -24.11
CA ARG D 37 -7.65 -12.59 -25.46
C ARG D 37 -8.45 -13.82 -25.92
N GLU D 38 -7.77 -14.94 -26.19
CA GLU D 38 -8.43 -16.14 -26.71
C GLU D 38 -9.06 -17.00 -25.58
N LEU D 39 -9.77 -16.32 -24.67
CA LEU D 39 -10.45 -16.99 -23.55
C LEU D 39 -11.61 -16.16 -23.04
N NH2 D 40 -12.64 -16.86 -22.58
HN1 NH2 D 40 -12.59 -17.88 -22.59
HN2 NH2 D 40 -13.45 -16.41 -22.19
C ACE E 1 -7.60 18.84 14.32
O ACE E 1 -8.58 18.11 14.17
CH3 ACE E 1 -7.66 20.31 13.97
H1 ACE E 1 -8.72 20.53 13.57
H2 ACE E 1 -7.02 20.54 13.05
H3 ACE E 1 -7.42 20.90 14.74
N THR E 2 -6.37 18.33 14.34
CA THR E 2 -6.07 17.02 14.94
C THR E 2 -4.84 17.15 15.83
N THR E 3 -4.69 16.19 16.74
CA THR E 3 -3.67 16.21 17.78
C THR E 3 -2.80 14.96 17.69
N TRP E 4 -1.66 14.97 18.38
CA TRP E 4 -0.84 13.75 18.50
C TRP E 4 -1.57 12.60 19.14
N GLU E 5 -2.41 12.90 20.12
CA GLU E 5 -3.19 11.88 20.81
C GLU E 5 -4.19 11.23 19.84
N ALA E 6 -4.89 12.07 19.06
CA ALA E 6 -5.82 11.57 18.02
C ALA E 6 -5.05 10.81 16.94
N TRP E 7 -3.87 11.31 16.60
CA TRP E 7 -3.03 10.67 15.57
C TRP E 7 -2.67 9.25 15.99
N ASP E 8 -2.18 9.09 17.22
CA ASP E 8 -1.86 7.77 17.75
C ASP E 8 -3.02 6.81 17.64
N ARG E 9 -4.20 7.28 18.01
CA ARG E 9 -5.39 6.43 17.96
CA ARG E 9 -5.42 6.49 17.97
C ARG E 9 -5.79 6.10 16.52
N ALA E 10 -5.69 7.07 15.61
CA ALA E 10 -6.06 6.85 14.21
C ALA E 10 -5.15 5.77 13.60
N ILE E 11 -3.87 5.86 13.90
CA ILE E 11 -2.87 4.91 13.41
C ILE E 11 -3.13 3.49 13.94
N ALA E 12 -3.32 3.36 15.26
CA ALA E 12 -3.61 2.05 15.88
C ALA E 12 -4.89 1.42 15.31
N GLU E 13 -5.83 2.27 14.96
CA GLU E 13 -7.10 1.86 14.43
C GLU E 13 -7.07 1.44 12.96
N TYR E 14 -6.25 2.12 12.15
CA TYR E 14 -6.08 1.70 10.76
C TYR E 14 -5.15 0.48 10.65
N ALA E 15 -4.14 0.42 11.51
CA ALA E 15 -3.24 -0.73 11.56
C ALA E 15 -3.98 -2.03 11.89
N ALA E 16 -4.79 -2.02 12.96
CA ALA E 16 -5.61 -3.18 13.33
C ALA E 16 -6.62 -3.57 12.24
N ARG E 17 -7.26 -2.57 11.64
CA ARG E 17 -8.13 -2.77 10.47
C ARG E 17 -7.43 -3.47 9.30
N ILE E 18 -6.19 -3.07 9.07
CA ILE E 18 -5.43 -3.54 7.92
C ILE E 18 -4.98 -4.98 8.17
N GLU E 19 -4.64 -5.29 9.41
CA GLU E 19 -4.26 -6.66 9.78
C GLU E 19 -5.45 -7.61 9.66
N ALA E 20 -6.66 -7.12 9.93
CA ALA E 20 -7.86 -7.93 9.76
C ALA E 20 -8.20 -8.14 8.29
N LEU E 21 -7.99 -7.12 7.48
CA LEU E 21 -8.23 -7.22 6.03
C LEU E 21 -7.22 -8.19 5.39
N ILE E 22 -5.96 -8.16 5.86
CA ILE E 22 -4.94 -9.11 5.42
C ILE E 22 -5.24 -10.56 5.85
N ARG E 23 -5.64 -10.76 7.12
CA ARG E 23 -6.04 -12.10 7.59
C ARG E 23 -7.15 -12.67 6.71
N ALA E 24 -8.13 -11.83 6.37
CA ALA E 24 -9.27 -12.20 5.55
C ALA E 24 -8.90 -12.45 4.08
N ALA E 25 -7.91 -11.70 3.58
CA ALA E 25 -7.38 -11.97 2.25
C ALA E 25 -6.47 -13.22 2.22
N GLN E 26 -5.75 -13.50 3.30
CA GLN E 26 -4.99 -14.75 3.41
C GLN E 26 -5.93 -15.97 3.38
N GLU E 27 -7.06 -15.85 4.08
CA GLU E 27 -8.13 -16.84 4.12
C GLU E 27 -8.74 -17.10 2.73
N GLN E 28 -9.22 -16.03 2.09
CA GLN E 28 -9.83 -16.12 0.76
C GLN E 28 -8.84 -16.66 -0.29
N GLN E 29 -7.55 -16.38 -0.11
CA GLN E 29 -6.50 -16.85 -1.02
C GLN E 29 -6.25 -18.36 -0.91
N GLU E 30 -6.20 -18.83 0.34
CA GLU E 30 -6.14 -20.25 0.66
C GLU E 30 -7.26 -21.01 -0.05
N LYS E 31 -8.48 -20.50 0.10
CA LYS E 31 -9.68 -21.09 -0.50
C LYS E 31 -9.65 -20.99 -2.02
N ASN E 32 -9.17 -19.86 -2.54
CA ASN E 32 -9.04 -19.66 -3.98
C ASN E 32 -8.08 -20.65 -4.64
N GLU E 33 -6.95 -20.93 -3.99
CA GLU E 33 -5.96 -21.88 -4.50
C GLU E 33 -6.49 -23.30 -4.48
N ALA E 34 -7.33 -23.62 -3.48
CA ALA E 34 -7.97 -24.92 -3.38
C ALA E 34 -9.06 -25.12 -4.45
N ALA E 35 -9.94 -24.15 -4.61
CA ALA E 35 -11.06 -24.26 -5.55
C ALA E 35 -10.61 -24.15 -7.01
N LEU E 36 -9.47 -23.51 -7.25
CA LEU E 36 -8.87 -23.42 -8.58
C LEU E 36 -8.26 -24.77 -8.95
N ARG E 37 -7.57 -25.36 -7.97
CA ARG E 37 -7.03 -26.71 -8.07
C ARG E 37 -8.13 -27.77 -8.34
N GLU E 38 -9.31 -27.54 -7.78
CA GLU E 38 -10.44 -28.47 -7.92
C GLU E 38 -11.08 -28.35 -9.32
N LEU E 39 -11.33 -27.14 -9.79
CA LEU E 39 -11.83 -26.93 -11.17
C LEU E 39 -10.79 -27.46 -12.16
N NH2 E 40 -9.56 -26.97 -12.01
HN1 NH2 E 40 -9.37 -26.30 -11.28
HN2 NH2 E 40 -8.81 -27.27 -12.62
C ACE F 1 14.43 17.42 -5.36
O ACE F 1 14.08 16.27 -5.13
CH3 ACE F 1 14.01 18.10 -6.65
H1 ACE F 1 12.95 17.98 -6.84
H2 ACE F 1 14.58 17.64 -7.48
H3 ACE F 1 14.25 19.16 -6.60
N THR F 2 15.01 18.18 -4.42
CA THR F 2 15.43 17.62 -3.11
C THR F 2 15.04 18.49 -1.89
N THR F 3 14.24 19.53 -2.11
CA THR F 3 13.70 20.39 -1.05
C THR F 3 12.33 19.94 -0.45
N TRP F 4 12.00 20.50 0.72
CA TRP F 4 10.71 20.26 1.39
C TRP F 4 9.48 20.57 0.56
N GLU F 5 9.54 21.68 -0.16
CA GLU F 5 8.51 22.08 -1.11
C GLU F 5 8.40 21.07 -2.28
N ALA F 6 9.56 20.60 -2.75
CA ALA F 6 9.59 19.54 -3.75
C ALA F 6 8.98 18.26 -3.17
N TRP F 7 9.15 18.04 -1.86
CA TRP F 7 8.49 16.93 -1.16
C TRP F 7 6.97 17.13 -1.11
N ASP F 8 6.52 18.32 -0.68
CA ASP F 8 5.09 18.66 -0.67
C ASP F 8 4.47 18.42 -2.04
N ARG F 9 5.16 18.82 -3.10
CA ARG F 9 4.64 18.65 -4.47
C ARG F 9 4.52 17.18 -4.90
N ALA F 10 5.57 16.40 -4.70
CA ALA F 10 5.55 14.98 -5.01
C ALA F 10 4.49 14.23 -4.20
N ILE F 11 4.35 14.55 -2.90
CA ILE F 11 3.28 13.98 -2.08
C ILE F 11 1.90 14.26 -2.64
N ALA F 12 1.64 15.54 -2.93
CA ALA F 12 0.37 15.95 -3.48
C ALA F 12 0.09 15.29 -4.85
N GLU F 13 1.12 15.16 -5.67
CA GLU F 13 1.01 14.49 -6.98
C GLU F 13 0.57 13.03 -6.86
N TYR F 14 1.27 12.29 -6.01
CA TYR F 14 0.99 10.86 -5.88
C TYR F 14 -0.27 10.57 -5.07
N ALA F 15 -0.64 11.46 -4.15
CA ALA F 15 -1.92 11.37 -3.46
C ALA F 15 -3.07 11.43 -4.49
N ALA F 16 -2.99 12.39 -5.41
CA ALA F 16 -4.02 12.57 -6.42
C ALA F 16 -4.10 11.32 -7.31
N ARG F 17 -2.94 10.85 -7.74
CA ARG F 17 -2.88 9.62 -8.52
C ARG F 17 -3.53 8.42 -7.85
N ILE F 18 -3.13 8.17 -6.60
CA ILE F 18 -3.62 7.01 -5.84
C ILE F 18 -5.12 7.07 -5.70
N GLU F 19 -5.61 8.27 -5.40
CA GLU F 19 -7.04 8.51 -5.24
C GLU F 19 -7.81 8.16 -6.52
N ALA F 20 -7.25 8.54 -7.68
CA ALA F 20 -7.89 8.28 -8.95
C ALA F 20 -7.83 6.78 -9.27
N LEU F 21 -6.72 6.14 -8.94
CA LEU F 21 -6.64 4.70 -9.08
C LEU F 21 -7.65 4.00 -8.18
N ILE F 22 -7.79 4.47 -6.94
CA ILE F 22 -8.72 3.83 -6.02
C ILE F 22 -10.16 3.93 -6.54
N ARG F 23 -10.52 5.11 -7.05
CA ARG F 23 -11.86 5.34 -7.64
C ARG F 23 -12.10 4.42 -8.84
N ALA F 24 -11.06 4.16 -9.62
CA ALA F 24 -11.17 3.30 -10.79
C ALA F 24 -11.35 1.85 -10.35
N ALA F 25 -10.63 1.46 -9.31
CA ALA F 25 -10.81 0.14 -8.72
C ALA F 25 -12.19 -0.04 -8.10
N GLN F 26 -12.74 1.03 -7.53
CA GLN F 26 -14.04 0.97 -6.87
C GLN F 26 -15.17 0.82 -7.89
N GLU F 27 -15.16 1.67 -8.90
CA GLU F 27 -16.18 1.63 -9.93
C GLU F 27 -16.07 0.38 -10.79
N GLN F 28 -14.87 -0.22 -10.86
CA GLN F 28 -14.61 -1.48 -11.59
C GLN F 28 -14.89 -2.73 -10.73
N GLN F 29 -14.82 -2.60 -9.40
CA GLN F 29 -15.29 -3.66 -8.51
C GLN F 29 -16.82 -3.79 -8.64
N GLU F 30 -17.51 -2.64 -8.74
CA GLU F 30 -18.97 -2.57 -8.93
C GLU F 30 -19.39 -3.30 -10.19
N LYS F 31 -18.72 -2.98 -11.29
CA LYS F 31 -18.96 -3.59 -12.59
C LYS F 31 -18.70 -5.10 -12.65
N ASN F 32 -17.58 -5.54 -12.10
CA ASN F 32 -17.28 -6.97 -12.06
C ASN F 32 -18.29 -7.74 -11.22
N GLU F 33 -18.63 -7.19 -10.05
CA GLU F 33 -19.66 -7.79 -9.20
C GLU F 33 -21.01 -7.86 -9.90
N ALA F 34 -21.43 -6.78 -10.53
CA ALA F 34 -22.68 -6.76 -11.30
C ALA F 34 -22.69 -7.89 -12.30
N ALA F 35 -21.74 -7.85 -13.23
CA ALA F 35 -21.59 -8.87 -14.27
C ALA F 35 -21.53 -10.29 -13.72
N LEU F 36 -20.85 -10.46 -12.59
CA LEU F 36 -20.72 -11.78 -12.00
C LEU F 36 -22.03 -12.31 -11.41
N ARG F 37 -22.95 -11.42 -11.02
CA ARG F 37 -24.25 -11.86 -10.50
C ARG F 37 -25.33 -11.87 -11.59
N GLU F 38 -24.96 -11.44 -12.80
CA GLU F 38 -25.77 -11.60 -14.00
C GLU F 38 -25.37 -12.88 -14.74
N LEU F 39 -24.13 -13.31 -14.52
CA LEU F 39 -23.65 -14.61 -14.96
C LEU F 39 -24.32 -15.66 -14.10
N NH2 F 40 -24.39 -15.40 -12.80
HN1 NH2 F 40 -24.84 -16.07 -12.18
HN2 NH2 F 40 -24.00 -14.55 -12.42
#